data_1D3Y
#
_entry.id   1D3Y
#
_cell.length_a   66.510
_cell.length_b   59.040
_cell.length_c   87.260
_cell.angle_alpha   90.00
_cell.angle_beta   94.05
_cell.angle_gamma   90.00
#
_symmetry.space_group_name_H-M   'P 1 21 1'
#
loop_
_entity.id
_entity.type
_entity.pdbx_description
1 polymer 'DNA TOPOISOMERASE VI A SUBUNIT'
2 non-polymer 'SODIUM ION'
3 non-polymer 'MAGNESIUM ION'
4 water water
#
_entity_poly.entity_id   1
_entity_poly.type   'polypeptide(L)'
_entity_poly.pdbx_seq_one_letter_code
;TVNQAKIFAQTTKMLEFAKQLLETDDFSTLREAYYVSKNWGEARFDDQQASNNVIEDLEAALGVLREHLGFIPEEDGSSV
VGPLKIIEETPEGELVVDCTKLGTGAYNIPNDVTKLNLETDADFILAIETSGMFARLNAERFWDKHNCILVSLKGVPARA
TRRFIKRLHEEHDLPVLVFTDGDPYGYLNIYRTLKVGSGKAIHLADKLSIPAARLIGVTPQDIIDYDLPTHPLKEQDIKR
IKDGLKNDDFVRSFPEWQKALKQMLDMGVRAEQQSLAKYGLKYVVNTYLPEKIKDESTWLP
;
_entity_poly.pdbx_strand_id   A,B
#
loop_
_chem_comp.id
_chem_comp.type
_chem_comp.name
_chem_comp.formula
MG non-polymer 'MAGNESIUM ION' 'Mg 2'
NA non-polymer 'SODIUM ION' 'Na 1'
#
# COMPACT_ATOMS: atom_id res chain seq x y z
N GLN A 4 -30.40 21.67 -8.00
CA GLN A 4 -30.38 22.02 -6.56
C GLN A 4 -31.35 21.18 -5.74
N ALA A 5 -32.57 20.99 -6.26
CA ALA A 5 -33.61 20.26 -5.56
C ALA A 5 -33.17 18.83 -5.20
N LYS A 6 -32.64 18.11 -6.17
CA LYS A 6 -32.17 16.75 -5.94
C LYS A 6 -30.97 16.76 -5.00
N ILE A 7 -30.00 17.64 -5.23
CA ILE A 7 -28.83 17.77 -4.38
C ILE A 7 -29.24 18.09 -2.93
N PHE A 8 -30.23 18.93 -2.72
CA PHE A 8 -30.73 19.22 -1.38
C PHE A 8 -31.36 17.99 -0.74
N ALA A 9 -32.12 17.19 -1.49
CA ALA A 9 -32.68 15.94 -0.98
C ALA A 9 -31.56 14.94 -0.64
N GLN A 10 -30.55 14.87 -1.50
CA GLN A 10 -29.41 13.97 -1.31
C GLN A 10 -28.58 14.36 -0.10
N THR A 11 -28.36 15.65 0.09
CA THR A 11 -27.65 16.17 1.26
C THR A 11 -28.40 15.86 2.54
N THR A 12 -29.73 15.99 2.51
CA THR A 12 -30.54 15.64 3.69
C THR A 12 -30.35 14.17 4.04
N LYS A 13 -30.44 13.28 3.04
CA LYS A 13 -30.27 11.85 3.24
C LYS A 13 -28.85 11.51 3.71
N MET A 14 -27.85 12.18 3.17
CA MET A 14 -26.47 11.90 3.56
C MET A 14 -26.21 12.29 5.01
N LEU A 15 -26.85 13.36 5.48
CA LEU A 15 -26.68 13.80 6.87
C LEU A 15 -27.46 12.93 7.84
N GLU A 16 -28.59 12.43 7.37
CA GLU A 16 -29.38 11.46 8.15
C GLU A 16 -28.54 10.19 8.32
N PHE A 17 -27.88 9.77 7.24
CA PHE A 17 -26.95 8.64 7.30
C PHE A 17 -25.80 8.91 8.26
N ALA A 18 -25.15 10.07 8.13
CA ALA A 18 -24.09 10.48 9.02
C ALA A 18 -24.51 10.41 10.49
N LYS A 19 -25.66 11.00 10.83
CA LYS A 19 -26.18 10.95 12.19
C LYS A 19 -26.29 9.50 12.66
N GLN A 20 -26.83 8.61 11.84
CA GLN A 20 -26.96 7.20 12.17
C GLN A 20 -25.62 6.52 12.34
N LEU A 21 -24.62 6.84 11.52
CA LEU A 21 -23.28 6.29 11.67
C LEU A 21 -22.66 6.71 13.00
N LEU A 22 -22.87 7.99 13.33
CA LEU A 22 -22.31 8.54 14.57
C LEU A 22 -23.02 7.96 15.79
N GLU A 23 -24.33 7.78 15.72
CA GLU A 23 -25.09 7.18 16.81
C GLU A 23 -24.79 5.70 17.02
N THR A 24 -24.34 4.97 15.98
CA THR A 24 -24.02 3.57 16.10
C THR A 24 -22.53 3.29 16.12
N ASP A 25 -21.73 4.34 16.30
CA ASP A 25 -20.28 4.22 16.36
C ASP A 25 -19.72 3.45 15.16
N ASP A 26 -20.16 3.84 13.97
CA ASP A 26 -19.82 3.16 12.73
C ASP A 26 -19.27 4.17 11.74
N PHE A 27 -18.95 3.68 10.54
CA PHE A 27 -18.44 4.50 9.45
C PHE A 27 -19.01 3.98 8.13
N SER A 28 -18.76 4.72 7.06
CA SER A 28 -19.10 4.26 5.71
C SER A 28 -17.96 4.67 4.78
N THR A 29 -17.40 3.74 4.00
CA THR A 29 -16.39 4.19 3.03
C THR A 29 -17.12 4.97 1.93
N LEU A 30 -16.41 5.64 1.05
CA LEU A 30 -17.04 6.37 -0.06
C LEU A 30 -17.89 5.46 -0.94
N ARG A 31 -17.40 4.27 -1.30
CA ARG A 31 -18.17 3.35 -2.13
C ARG A 31 -19.38 2.84 -1.37
N GLU A 32 -19.20 2.59 -0.06
CA GLU A 32 -20.33 2.16 0.76
C GLU A 32 -21.44 3.21 0.75
N ALA A 33 -21.08 4.47 0.88
CA ALA A 33 -22.04 5.57 0.85
C ALA A 33 -22.83 5.59 -0.46
N TYR A 34 -22.12 5.51 -1.57
CA TYR A 34 -22.76 5.45 -2.89
C TYR A 34 -23.76 4.32 -3.02
N TYR A 35 -23.39 3.11 -2.61
CA TYR A 35 -24.27 1.95 -2.75
C TYR A 35 -25.43 1.95 -1.78
N VAL A 36 -25.22 2.50 -0.58
CA VAL A 36 -26.34 2.72 0.34
C VAL A 36 -27.35 3.65 -0.30
N SER A 37 -26.89 4.65 -1.05
CA SER A 37 -27.78 5.61 -1.70
C SER A 37 -28.68 5.02 -2.77
N LYS A 38 -28.45 3.81 -3.26
CA LYS A 38 -29.33 3.15 -4.22
C LYS A 38 -30.68 2.78 -3.62
N ASN A 39 -30.84 2.86 -2.32
CA ASN A 39 -32.11 2.75 -1.64
C ASN A 39 -32.86 4.07 -1.52
N TRP A 40 -32.33 5.18 -2.02
CA TRP A 40 -32.95 6.48 -1.77
C TRP A 40 -33.94 6.95 -2.82
N GLY A 41 -34.52 6.03 -3.59
CA GLY A 41 -35.53 6.38 -4.57
C GLY A 41 -34.99 7.44 -5.52
N GLU A 42 -35.68 8.58 -5.58
CA GLU A 42 -35.29 9.66 -6.49
C GLU A 42 -34.05 10.43 -6.08
N ALA A 43 -33.59 10.27 -4.85
CA ALA A 43 -32.37 10.89 -4.37
C ALA A 43 -31.14 9.97 -4.45
N ARG A 44 -31.23 8.85 -5.17
CA ARG A 44 -30.06 7.98 -5.27
C ARG A 44 -28.99 8.67 -6.10
N PHE A 45 -27.71 8.37 -5.85
CA PHE A 45 -26.67 9.01 -6.66
C PHE A 45 -26.60 8.34 -8.03
N ASP A 46 -26.37 9.13 -9.07
CA ASP A 46 -26.27 8.59 -10.42
C ASP A 46 -24.96 7.83 -10.60
N ASP A 47 -23.88 8.29 -9.97
CA ASP A 47 -22.58 7.65 -10.07
C ASP A 47 -21.72 7.98 -8.85
N GLN A 48 -20.59 7.28 -8.72
CA GLN A 48 -19.71 7.42 -7.56
C GLN A 48 -19.24 8.86 -7.36
N GLN A 49 -18.88 9.52 -8.47
CA GLN A 49 -18.44 10.90 -8.40
C GLN A 49 -19.51 11.81 -7.81
N ALA A 50 -20.79 11.61 -8.16
CA ALA A 50 -21.85 12.44 -7.61
C ALA A 50 -21.95 12.31 -6.08
N SER A 51 -21.83 11.07 -5.60
CA SER A 51 -21.87 10.79 -4.17
C SER A 51 -20.67 11.43 -3.48
N ASN A 52 -19.48 11.25 -4.05
CA ASN A 52 -18.27 11.85 -3.51
C ASN A 52 -18.39 13.38 -3.42
N ASN A 53 -18.94 14.00 -4.45
CA ASN A 53 -19.13 15.45 -4.49
C ASN A 53 -19.98 15.99 -3.35
N VAL A 54 -21.03 15.27 -2.95
CA VAL A 54 -21.86 15.70 -1.82
C VAL A 54 -21.07 15.58 -0.53
N ILE A 55 -20.28 14.52 -0.37
CA ILE A 55 -19.46 14.36 0.82
C ILE A 55 -18.42 15.47 0.92
N GLU A 56 -17.71 15.75 -0.17
CA GLU A 56 -16.74 16.84 -0.20
C GLU A 56 -17.37 18.19 0.14
N ASP A 57 -18.55 18.45 -0.42
CA ASP A 57 -19.27 19.70 -0.21
C ASP A 57 -19.76 19.86 1.22
N LEU A 58 -20.23 18.77 1.81
CA LEU A 58 -20.63 18.76 3.22
C LEU A 58 -19.43 19.11 4.11
N GLU A 59 -18.29 18.46 3.86
CA GLU A 59 -17.07 18.76 4.58
C GLU A 59 -16.69 20.25 4.49
N ALA A 60 -16.71 20.81 3.29
CA ALA A 60 -16.38 22.21 3.10
C ALA A 60 -17.43 23.17 3.64
N ALA A 61 -18.70 22.92 3.41
CA ALA A 61 -19.76 23.83 3.85
C ALA A 61 -19.84 23.88 5.38
N LEU A 62 -19.76 22.74 6.04
CA LEU A 62 -19.86 22.64 7.47
C LEU A 62 -18.53 22.89 8.18
N GLY A 63 -17.41 22.83 7.46
CA GLY A 63 -16.09 22.99 8.03
C GLY A 63 -15.72 21.87 8.99
N VAL A 64 -16.15 20.65 8.69
CA VAL A 64 -15.91 19.46 9.49
C VAL A 64 -15.27 18.38 8.61
N LEU A 65 -14.21 17.74 9.06
CA LEU A 65 -13.59 16.70 8.24
C LEU A 65 -14.60 15.63 7.88
N ARG A 66 -14.54 15.12 6.67
CA ARG A 66 -15.25 13.98 6.15
C ARG A 66 -15.44 12.85 7.16
N GLU A 67 -14.30 12.40 7.69
CA GLU A 67 -14.22 11.29 8.61
C GLU A 67 -14.93 11.56 9.93
N HIS A 68 -15.01 12.83 10.33
CA HIS A 68 -15.76 13.20 11.52
C HIS A 68 -17.27 13.18 11.29
N LEU A 69 -17.72 13.12 10.05
CA LEU A 69 -19.13 12.87 9.73
C LEU A 69 -19.36 11.37 9.55
N GLY A 70 -18.27 10.60 9.54
CA GLY A 70 -18.33 9.16 9.40
C GLY A 70 -18.00 8.62 8.01
N PHE A 71 -17.61 9.47 7.08
CA PHE A 71 -17.28 9.06 5.72
C PHE A 71 -15.77 8.90 5.54
N ILE A 72 -15.32 7.67 5.25
CA ILE A 72 -13.88 7.40 5.22
C ILE A 72 -13.39 7.02 3.85
N PRO A 73 -12.11 7.24 3.58
CA PRO A 73 -11.50 6.94 2.30
C PRO A 73 -11.48 5.46 1.96
N GLU A 74 -11.37 5.16 0.67
CA GLU A 74 -11.22 3.78 0.20
C GLU A 74 -9.77 3.31 0.36
N GLU A 75 -8.80 4.21 0.32
CA GLU A 75 -7.40 3.84 0.50
C GLU A 75 -6.98 3.73 1.95
N ASP A 76 -6.16 2.72 2.27
CA ASP A 76 -5.62 2.61 3.62
C ASP A 76 -4.40 3.54 3.70
N GLY A 77 -3.84 3.66 4.89
CA GLY A 77 -2.67 4.50 5.08
C GLY A 77 -1.42 3.64 4.78
N SER A 78 -0.26 4.23 5.05
CA SER A 78 1.02 3.59 4.80
C SER A 78 1.51 2.81 6.02
N SER A 79 2.81 2.66 6.18
CA SER A 79 3.38 1.89 7.29
C SER A 79 4.16 2.78 8.25
N VAL A 80 4.13 2.41 9.53
CA VAL A 80 4.75 3.17 10.60
C VAL A 80 5.50 2.25 11.55
N VAL A 81 6.65 2.71 12.00
CA VAL A 81 7.44 2.10 13.05
C VAL A 81 8.10 3.24 13.84
N GLY A 82 8.53 2.94 15.06
CA GLY A 82 9.28 3.92 15.83
C GLY A 82 8.71 4.07 17.24
N PRO A 83 9.26 4.99 18.01
CA PRO A 83 8.82 5.27 19.36
C PRO A 83 7.43 5.88 19.39
N LEU A 84 6.42 5.01 19.38
CA LEU A 84 5.03 5.43 19.35
C LEU A 84 4.14 4.27 19.83
N LYS A 85 3.15 4.60 20.63
CA LYS A 85 2.17 3.59 21.06
C LYS A 85 0.81 4.03 20.52
N ILE A 86 0.13 3.14 19.82
CA ILE A 86 -1.21 3.45 19.30
C ILE A 86 -2.20 2.75 20.23
N ILE A 87 -3.07 3.55 20.86
CA ILE A 87 -3.95 3.01 21.90
C ILE A 87 -5.43 3.16 21.53
N GLU A 88 -6.18 2.09 21.80
CA GLU A 88 -7.62 2.09 21.54
C GLU A 88 -8.37 1.48 22.72
N GLU A 89 -9.49 2.11 23.08
CA GLU A 89 -10.34 1.59 24.15
C GLU A 89 -11.43 0.74 23.49
N THR A 90 -11.42 -0.56 23.79
CA THR A 90 -12.37 -1.49 23.19
C THR A 90 -13.21 -2.19 24.26
N PRO A 91 -14.22 -2.94 23.83
CA PRO A 91 -15.06 -3.74 24.70
C PRO A 91 -14.32 -4.77 25.52
N GLU A 92 -13.26 -5.35 24.97
CA GLU A 92 -12.43 -6.33 25.65
C GLU A 92 -11.24 -5.72 26.40
N GLY A 93 -11.24 -4.41 26.61
CA GLY A 93 -10.17 -3.75 27.34
C GLY A 93 -9.31 -2.87 26.44
N GLU A 94 -8.32 -2.22 27.05
CA GLU A 94 -7.41 -1.35 26.33
C GLU A 94 -6.43 -2.13 25.45
N LEU A 95 -6.33 -1.70 24.20
CA LEU A 95 -5.40 -2.30 23.24
C LEU A 95 -4.22 -1.34 23.06
N VAL A 96 -3.00 -1.84 23.14
CA VAL A 96 -1.81 -1.01 22.93
C VAL A 96 -0.98 -1.62 21.80
N VAL A 97 -0.67 -0.85 20.78
CA VAL A 97 0.23 -1.32 19.72
C VAL A 97 1.52 -0.51 19.87
N ASP A 98 2.58 -1.18 20.27
CA ASP A 98 3.87 -0.52 20.49
C ASP A 98 4.67 -0.58 19.20
N CYS A 99 4.90 0.54 18.53
CA CYS A 99 5.57 0.52 17.24
C CYS A 99 7.08 0.35 17.27
N THR A 100 7.67 0.06 18.43
CA THR A 100 9.05 -0.34 18.57
C THR A 100 9.14 -1.86 18.65
N LYS A 101 8.02 -2.57 18.65
CA LYS A 101 8.05 -4.02 18.82
C LYS A 101 7.48 -4.80 17.64
N LEU A 102 7.59 -4.23 16.44
CA LEU A 102 7.02 -4.83 15.24
C LEU A 102 8.02 -5.56 14.36
N GLY A 103 9.30 -5.51 14.70
CA GLY A 103 10.33 -6.29 14.03
C GLY A 103 10.54 -5.94 12.58
N THR A 104 10.55 -6.94 11.71
CA THR A 104 10.73 -6.74 10.28
C THR A 104 9.56 -5.97 9.67
N GLY A 105 8.36 -6.18 10.20
CA GLY A 105 7.15 -5.54 9.75
C GLY A 105 6.92 -4.16 10.34
N ALA A 106 5.68 -3.69 10.25
CA ALA A 106 5.29 -2.36 10.68
C ALA A 106 3.77 -2.30 10.87
N TYR A 107 3.30 -1.18 11.41
CA TYR A 107 1.86 -0.99 11.62
C TYR A 107 1.26 -0.42 10.33
N ASN A 108 0.13 -0.98 9.92
CA ASN A 108 -0.54 -0.48 8.72
C ASN A 108 -1.57 0.57 9.15
N ILE A 109 -1.30 1.83 8.86
CA ILE A 109 -2.26 2.90 9.14
C ILE A 109 -3.58 2.57 8.46
N PRO A 110 -4.66 2.53 9.23
CA PRO A 110 -5.98 2.25 8.71
C PRO A 110 -6.57 3.42 7.93
N ASN A 111 -7.61 3.14 7.15
CA ASN A 111 -8.33 4.12 6.36
C ASN A 111 -8.81 5.32 7.17
N ASP A 112 -9.28 5.09 8.39
CA ASP A 112 -9.74 6.13 9.28
C ASP A 112 -8.90 6.13 10.56
N VAL A 113 -8.19 7.22 10.82
CA VAL A 113 -7.35 7.32 12.02
C VAL A 113 -8.00 8.07 13.16
N THR A 114 -9.25 8.50 13.00
CA THR A 114 -9.96 9.29 13.99
C THR A 114 -9.96 8.70 15.39
N LYS A 115 -10.16 7.41 15.54
CA LYS A 115 -10.32 6.79 16.85
C LYS A 115 -9.06 6.26 17.49
N LEU A 116 -7.90 6.42 16.86
CA LEU A 116 -6.63 6.04 17.45
C LEU A 116 -6.18 7.02 18.51
N ASN A 117 -5.69 6.55 19.64
CA ASN A 117 -5.05 7.43 20.61
C ASN A 117 -3.54 7.28 20.42
N LEU A 118 -2.80 8.38 20.45
CA LEU A 118 -1.37 8.37 20.18
C LEU A 118 -0.51 8.87 21.34
N GLU A 119 0.46 8.05 21.72
CA GLU A 119 1.37 8.39 22.81
C GLU A 119 2.81 8.25 22.32
N THR A 120 3.60 9.31 22.42
CA THR A 120 4.97 9.25 21.92
C THR A 120 5.86 10.27 22.60
N ASP A 121 7.12 9.88 22.77
CA ASP A 121 8.16 10.75 23.30
C ASP A 121 9.20 10.99 22.22
N ALA A 122 8.81 10.74 20.96
CA ALA A 122 9.70 10.94 19.83
C ALA A 122 10.16 12.38 19.69
N ASP A 123 11.19 12.62 18.88
CA ASP A 123 11.69 13.97 18.64
C ASP A 123 11.16 14.55 17.34
N PHE A 124 10.95 13.70 16.34
CA PHE A 124 10.45 14.17 15.05
C PHE A 124 9.88 13.00 14.24
N ILE A 125 9.27 13.32 13.12
CA ILE A 125 8.69 12.36 12.21
C ILE A 125 9.51 12.37 10.91
N LEU A 126 9.91 11.21 10.42
CA LEU A 126 10.61 11.13 9.15
C LEU A 126 9.67 10.50 8.12
N ALA A 127 9.21 11.31 7.18
CA ALA A 127 8.26 10.83 6.18
C ALA A 127 9.05 10.45 4.92
N ILE A 128 9.09 9.15 4.66
CA ILE A 128 9.91 8.54 3.63
C ILE A 128 9.12 8.15 2.39
N GLU A 129 9.52 8.65 1.22
CA GLU A 129 8.81 8.28 0.00
C GLU A 129 8.68 6.77 -0.24
N THR A 130 9.80 6.09 -0.50
CA THR A 130 9.72 4.71 -0.96
C THR A 130 9.60 3.68 0.15
N SER A 131 8.88 2.59 -0.19
CA SER A 131 8.74 1.48 0.77
C SER A 131 10.07 0.76 0.92
N GLY A 132 10.92 0.77 -0.10
CA GLY A 132 12.27 0.19 -0.01
C GLY A 132 13.17 0.97 0.93
N MET A 133 13.12 2.30 0.90
CA MET A 133 13.93 3.08 1.83
C MET A 133 13.39 2.95 3.26
N PHE A 134 12.07 2.84 3.39
CA PHE A 134 11.45 2.59 4.69
C PHE A 134 11.95 1.26 5.25
N ALA A 135 12.04 0.22 4.41
CA ALA A 135 12.51 -1.08 4.85
C ALA A 135 13.96 -1.01 5.34
N ARG A 136 14.81 -0.25 4.65
CA ARG A 136 16.19 -0.09 5.08
C ARG A 136 16.28 0.64 6.41
N LEU A 137 15.56 1.76 6.58
CA LEU A 137 15.60 2.52 7.82
C LEU A 137 15.00 1.74 8.99
N ASN A 138 13.95 0.98 8.74
CA ASN A 138 13.36 0.11 9.74
C ASN A 138 14.35 -0.95 10.21
N ALA A 139 14.94 -1.65 9.24
CA ALA A 139 15.89 -2.72 9.50
C ALA A 139 17.16 -2.26 10.22
N GLU A 140 17.64 -1.03 9.96
CA GLU A 140 18.81 -0.52 10.65
C GLU A 140 18.43 0.23 11.92
N ARG A 141 17.16 0.17 12.31
CA ARG A 141 16.63 0.85 13.48
C ARG A 141 17.05 2.33 13.53
N PHE A 142 16.81 3.05 12.44
CA PHE A 142 17.06 4.48 12.40
C PHE A 142 16.16 5.20 13.39
N TRP A 143 14.94 4.70 13.57
CA TRP A 143 13.97 5.23 14.51
C TRP A 143 14.41 5.16 15.97
N ASP A 144 15.12 4.13 16.34
CA ASP A 144 15.62 3.99 17.72
C ASP A 144 16.81 4.91 17.95
N LYS A 145 17.79 4.84 17.04
CA LYS A 145 18.98 5.67 17.12
C LYS A 145 18.70 7.17 17.20
N HIS A 146 17.73 7.63 16.41
CA HIS A 146 17.42 9.04 16.31
C HIS A 146 16.05 9.40 16.88
N ASN A 147 15.43 8.50 17.63
CA ASN A 147 14.15 8.75 18.30
C ASN A 147 13.16 9.47 17.40
N CYS A 148 12.84 8.84 16.27
CA CYS A 148 11.94 9.43 15.30
C CYS A 148 10.96 8.39 14.78
N ILE A 149 9.75 8.85 14.52
CA ILE A 149 8.72 7.96 13.96
C ILE A 149 8.89 7.93 12.45
N LEU A 150 9.04 6.73 11.90
CA LEU A 150 9.14 6.57 10.45
C LEU A 150 7.76 6.32 9.86
N VAL A 151 7.39 7.14 8.88
CA VAL A 151 6.12 6.92 8.17
C VAL A 151 6.41 6.88 6.67
N SER A 152 6.06 5.78 5.99
CA SER A 152 6.29 5.74 4.54
C SER A 152 5.18 6.54 3.86
N LEU A 153 5.41 6.91 2.60
CA LEU A 153 4.41 7.68 1.86
C LEU A 153 3.88 6.83 0.70
N LYS A 154 4.77 6.04 0.13
CA LYS A 154 4.48 5.11 -0.95
C LYS A 154 3.90 5.80 -2.17
N GLY A 155 4.56 6.85 -2.66
CA GLY A 155 4.00 7.65 -3.77
C GLY A 155 3.35 8.87 -3.12
N VAL A 156 2.42 9.51 -3.80
CA VAL A 156 1.66 10.61 -3.19
C VAL A 156 0.88 10.03 -2.02
N PRO A 157 1.05 10.59 -0.83
CA PRO A 157 0.45 10.07 0.38
C PRO A 157 -1.07 10.02 0.33
N ALA A 158 -1.62 8.86 0.73
CA ALA A 158 -3.05 8.71 0.87
C ALA A 158 -3.55 9.70 1.92
N ARG A 159 -4.86 9.96 1.92
CA ARG A 159 -5.49 10.84 2.91
C ARG A 159 -5.28 10.35 4.33
N ALA A 160 -5.41 9.04 4.58
CA ALA A 160 -5.18 8.49 5.92
C ALA A 160 -3.76 8.71 6.40
N THR A 161 -2.80 8.58 5.49
CA THR A 161 -1.39 8.86 5.82
C THR A 161 -1.18 10.31 6.21
N ARG A 162 -1.74 11.23 5.42
CA ARG A 162 -1.64 12.66 5.67
C ARG A 162 -2.24 13.01 7.04
N ARG A 163 -3.45 12.49 7.30
CA ARG A 163 -4.10 12.70 8.58
C ARG A 163 -3.29 12.18 9.75
N PHE A 164 -2.73 10.98 9.62
CA PHE A 164 -1.91 10.40 10.67
C PHE A 164 -0.68 11.27 10.96
N ILE A 165 0.03 11.67 9.91
CA ILE A 165 1.21 12.53 10.09
C ILE A 165 0.82 13.88 10.68
N LYS A 166 -0.27 14.46 10.20
CA LYS A 166 -0.76 15.73 10.74
C LYS A 166 -1.14 15.66 12.21
N ARG A 167 -1.81 14.57 12.62
CA ARG A 167 -2.18 14.40 14.02
C ARG A 167 -0.95 14.25 14.91
N LEU A 168 0.04 13.48 14.46
CA LEU A 168 1.28 13.30 15.21
C LEU A 168 1.99 14.64 15.36
N HIS A 169 2.10 15.38 14.27
CA HIS A 169 2.74 16.68 14.25
C HIS A 169 2.09 17.69 15.20
N GLU A 170 0.79 17.90 15.05
CA GLU A 170 0.04 18.87 15.83
C GLU A 170 -0.17 18.49 17.28
N GLU A 171 -0.54 17.24 17.53
CA GLU A 171 -0.81 16.81 18.90
C GLU A 171 0.42 16.55 19.73
N HIS A 172 1.57 16.24 19.13
CA HIS A 172 2.78 15.96 19.91
C HIS A 172 3.93 16.89 19.57
N ASP A 173 3.68 17.97 18.84
CA ASP A 173 4.74 18.95 18.56
C ASP A 173 5.95 18.29 17.91
N LEU A 174 5.73 17.56 16.82
CA LEU A 174 6.82 16.87 16.12
C LEU A 174 7.06 17.44 14.74
N PRO A 175 8.25 17.95 14.49
CA PRO A 175 8.65 18.40 13.16
C PRO A 175 8.45 17.28 12.16
N VAL A 176 8.06 17.63 10.94
CA VAL A 176 7.83 16.66 9.87
C VAL A 176 8.93 16.83 8.82
N LEU A 177 9.88 15.91 8.84
CA LEU A 177 11.00 15.93 7.90
C LEU A 177 10.72 14.95 6.76
N VAL A 178 10.74 15.45 5.53
CA VAL A 178 10.33 14.64 4.38
C VAL A 178 11.52 14.26 3.52
N PHE A 179 11.63 12.97 3.25
CA PHE A 179 12.74 12.38 2.48
C PHE A 179 12.22 11.66 1.25
N THR A 180 12.46 12.26 0.08
CA THR A 180 11.95 11.74 -1.18
C THR A 180 13.07 11.48 -2.18
N ASP A 181 12.70 10.87 -3.31
CA ASP A 181 13.59 10.82 -4.46
C ASP A 181 13.89 12.27 -4.86
N GLY A 182 15.05 12.48 -5.48
CA GLY A 182 15.37 13.83 -5.97
C GLY A 182 14.90 13.99 -7.41
N ASP A 183 13.60 14.21 -7.58
CA ASP A 183 13.02 14.36 -8.92
C ASP A 183 11.76 15.20 -8.78
N PRO A 184 11.25 15.70 -9.90
CA PRO A 184 10.10 16.59 -9.91
C PRO A 184 8.86 16.01 -9.27
N TYR A 185 8.58 14.73 -9.49
CA TYR A 185 7.46 14.06 -8.87
C TYR A 185 7.60 14.06 -7.35
N GLY A 186 8.79 13.74 -6.86
CA GLY A 186 9.08 13.75 -5.43
C GLY A 186 8.82 15.10 -4.80
N TYR A 187 9.29 16.16 -5.47
CA TYR A 187 9.16 17.52 -4.98
C TYR A 187 7.75 18.09 -5.14
N LEU A 188 7.25 18.04 -6.37
CA LEU A 188 6.02 18.71 -6.75
C LEU A 188 4.75 17.89 -6.64
N ASN A 189 4.81 16.61 -6.33
CA ASN A 189 3.61 15.81 -6.16
C ASN A 189 3.58 15.20 -4.76
N ILE A 190 4.65 14.50 -4.39
CA ILE A 190 4.73 13.87 -3.08
C ILE A 190 4.92 14.84 -1.93
N TYR A 191 6.03 15.58 -1.92
CA TYR A 191 6.28 16.54 -0.86
C TYR A 191 5.19 17.62 -0.85
N ARG A 192 4.90 18.16 -2.03
CA ARG A 192 3.92 19.24 -2.16
C ARG A 192 2.56 18.86 -1.58
N THR A 193 2.09 17.64 -1.84
CA THR A 193 0.79 17.22 -1.29
C THR A 193 0.83 17.21 0.22
N LEU A 194 1.92 16.73 0.82
CA LEU A 194 2.05 16.72 2.27
C LEU A 194 2.03 18.13 2.87
N LYS A 195 2.76 19.05 2.24
CA LYS A 195 2.88 20.41 2.72
C LYS A 195 1.68 21.31 2.39
N VAL A 196 1.15 21.21 1.19
CA VAL A 196 0.15 22.18 0.71
C VAL A 196 -1.20 21.59 0.39
N ASP A 206 -6.02 23.18 1.43
CA ASP A 206 -6.59 21.88 1.77
C ASP A 206 -6.42 21.61 3.26
N LYS A 207 -7.49 21.18 3.89
CA LYS A 207 -7.59 20.91 5.31
C LYS A 207 -6.58 19.96 5.92
N LEU A 208 -5.93 19.08 5.17
CA LEU A 208 -4.95 18.16 5.76
C LEU A 208 -3.51 18.57 5.49
N SER A 209 -3.31 19.79 5.03
CA SER A 209 -1.95 20.28 4.75
C SER A 209 -1.13 20.43 6.02
N ILE A 210 0.18 20.28 5.87
CA ILE A 210 1.15 20.46 6.94
C ILE A 210 2.19 21.47 6.48
N PRO A 211 1.88 22.76 6.61
CA PRO A 211 2.72 23.84 6.11
C PRO A 211 4.14 23.84 6.63
N ALA A 212 4.36 23.41 7.85
CA ALA A 212 5.70 23.33 8.43
C ALA A 212 6.50 22.11 7.97
N ALA A 213 5.96 21.22 7.15
CA ALA A 213 6.76 20.07 6.69
C ALA A 213 7.98 20.58 5.91
N ARG A 214 9.13 20.00 6.15
CA ARG A 214 10.38 20.39 5.51
C ARG A 214 11.00 19.25 4.69
N LEU A 215 11.41 19.57 3.47
CA LEU A 215 12.04 18.58 2.58
C LEU A 215 13.53 18.58 2.94
N ILE A 216 13.98 17.55 3.65
CA ILE A 216 15.39 17.50 4.06
C ILE A 216 16.25 16.96 2.93
N GLY A 217 15.61 16.22 2.01
CA GLY A 217 16.41 15.66 0.95
C GLY A 217 15.74 14.73 -0.02
N VAL A 218 16.01 14.13 -1.16
CA VAL A 218 17.11 14.35 -2.02
C VAL A 218 16.93 15.69 -2.75
N THR A 219 17.69 16.71 -2.31
CA THR A 219 17.60 18.01 -2.99
C THR A 219 18.54 17.96 -4.19
N PRO A 220 18.38 18.90 -5.12
CA PRO A 220 19.29 19.01 -6.26
C PRO A 220 20.72 19.22 -5.79
N GLN A 221 20.94 20.02 -4.73
CA GLN A 221 22.29 20.20 -4.21
C GLN A 221 22.89 18.92 -3.64
N ASP A 222 22.08 18.07 -3.01
CA ASP A 222 22.47 16.78 -2.51
C ASP A 222 23.04 15.89 -3.62
N ILE A 223 22.41 15.96 -4.79
CA ILE A 223 22.87 15.20 -5.95
C ILE A 223 24.30 15.57 -6.28
N ILE A 224 24.61 16.87 -6.24
CA ILE A 224 25.97 17.33 -6.47
C ILE A 224 26.89 16.99 -5.30
N ASP A 225 26.49 17.33 -4.07
CA ASP A 225 27.32 17.15 -2.90
C ASP A 225 27.69 15.70 -2.59
N TYR A 226 26.79 14.76 -2.80
CA TYR A 226 27.05 13.35 -2.54
C TYR A 226 27.42 12.59 -3.81
N ASP A 227 27.58 13.29 -4.93
CA ASP A 227 27.98 12.64 -6.18
C ASP A 227 27.10 11.44 -6.50
N LEU A 228 25.78 11.59 -6.43
CA LEU A 228 24.89 10.46 -6.60
C LEU A 228 24.77 10.00 -8.04
N PRO A 229 24.62 8.70 -8.23
CA PRO A 229 24.29 8.13 -9.52
C PRO A 229 22.98 8.77 -9.98
N THR A 230 22.91 9.22 -11.23
CA THR A 230 21.73 9.92 -11.69
C THR A 230 21.12 9.26 -12.92
N HIS A 231 20.02 9.86 -13.36
CA HIS A 231 19.35 9.52 -14.62
C HIS A 231 18.90 10.84 -15.24
N PRO A 232 19.00 10.96 -16.56
CA PRO A 232 18.55 12.12 -17.28
C PRO A 232 17.10 12.46 -16.96
N LEU A 233 16.79 13.76 -16.86
CA LEU A 233 15.40 14.15 -16.68
C LEU A 233 14.65 13.73 -17.95
N LYS A 234 13.45 13.20 -17.80
CA LYS A 234 12.69 12.85 -19.01
C LYS A 234 11.94 14.08 -19.50
N GLU A 235 11.41 14.01 -20.72
CA GLU A 235 10.59 15.03 -21.33
C GLU A 235 9.56 15.58 -20.35
N GLN A 236 8.72 14.71 -19.81
CA GLN A 236 7.72 15.05 -18.81
C GLN A 236 8.29 15.72 -17.58
N ASP A 237 9.45 15.27 -17.09
CA ASP A 237 10.07 15.88 -15.92
C ASP A 237 10.37 17.37 -16.13
N ILE A 238 10.95 17.69 -17.27
CA ILE A 238 11.29 19.06 -17.62
C ILE A 238 10.03 19.91 -17.73
N LYS A 239 8.98 19.34 -18.32
CA LYS A 239 7.69 20.01 -18.43
C LYS A 239 7.07 20.23 -17.06
N ARG A 240 7.21 19.26 -16.15
CA ARG A 240 6.68 19.41 -14.80
C ARG A 240 7.35 20.59 -14.11
N ILE A 241 8.67 20.68 -14.21
CA ILE A 241 9.41 21.76 -13.59
C ILE A 241 9.01 23.12 -14.18
N LYS A 242 9.03 23.22 -15.50
CA LYS A 242 8.69 24.48 -16.17
C LYS A 242 7.25 24.88 -15.92
N ASP A 243 6.31 23.94 -15.85
CA ASP A 243 4.93 24.26 -15.50
C ASP A 243 4.87 24.73 -14.05
N GLY A 244 5.61 24.04 -13.18
CA GLY A 244 5.68 24.39 -11.77
C GLY A 244 6.17 25.82 -11.59
N LEU A 245 7.30 26.16 -12.21
CA LEU A 245 7.85 27.51 -12.15
C LEU A 245 6.86 28.57 -12.61
N LYS A 246 6.11 28.33 -13.68
CA LYS A 246 5.19 29.32 -14.20
C LYS A 246 3.80 29.34 -13.57
N ASN A 247 3.23 28.20 -13.21
CA ASN A 247 1.84 28.20 -12.75
C ASN A 247 1.57 27.63 -11.37
N ASP A 248 2.57 27.13 -10.67
CA ASP A 248 2.35 26.51 -9.36
C ASP A 248 2.47 27.50 -8.22
N ASP A 249 1.41 27.60 -7.40
CA ASP A 249 1.36 28.52 -6.28
C ASP A 249 2.37 28.18 -5.19
N PHE A 250 2.62 26.89 -4.95
CA PHE A 250 3.61 26.50 -3.94
C PHE A 250 5.01 26.93 -4.40
N VAL A 251 5.33 26.65 -5.66
CA VAL A 251 6.65 27.00 -6.20
C VAL A 251 6.82 28.50 -6.31
N ARG A 252 5.83 29.19 -6.86
CA ARG A 252 5.85 30.65 -7.02
C ARG A 252 5.82 31.40 -5.70
N SER A 253 5.41 30.75 -4.63
CA SER A 253 5.40 31.34 -3.29
C SER A 253 6.70 31.14 -2.55
N PHE A 254 7.64 30.33 -3.07
CA PHE A 254 8.91 30.07 -2.41
C PHE A 254 10.10 30.27 -3.34
N PRO A 255 10.96 31.21 -3.00
CA PRO A 255 12.15 31.52 -3.79
C PRO A 255 13.22 30.46 -3.77
N GLU A 256 13.45 29.81 -2.64
CA GLU A 256 14.43 28.73 -2.51
C GLU A 256 14.05 27.52 -3.36
N TRP A 257 12.75 27.24 -3.47
CA TRP A 257 12.25 26.17 -4.31
C TRP A 257 12.42 26.52 -5.78
N GLN A 258 12.21 27.80 -6.11
CA GLN A 258 12.45 28.28 -7.46
C GLN A 258 13.92 28.10 -7.84
N LYS A 259 14.80 28.41 -6.90
CA LYS A 259 16.24 28.27 -7.13
C LYS A 259 16.64 26.81 -7.35
N ALA A 260 16.14 25.92 -6.51
CA ALA A 260 16.45 24.49 -6.60
C ALA A 260 15.92 23.86 -7.87
N LEU A 261 14.70 24.18 -8.28
CA LEU A 261 14.12 23.63 -9.50
C LEU A 261 14.86 24.11 -10.75
N LYS A 262 15.30 25.37 -10.76
CA LYS A 262 16.07 25.87 -11.89
C LYS A 262 17.44 25.20 -11.93
N GLN A 263 18.01 24.97 -10.76
CA GLN A 263 19.23 24.20 -10.63
C GLN A 263 19.10 22.80 -11.20
N MET A 264 18.00 22.10 -10.90
CA MET A 264 17.76 20.78 -11.47
C MET A 264 17.58 20.84 -12.98
N LEU A 265 16.93 21.88 -13.48
CA LEU A 265 16.81 22.09 -14.92
C LEU A 265 18.20 22.26 -15.55
N ASP A 266 19.05 23.06 -14.94
CA ASP A 266 20.41 23.28 -15.45
C ASP A 266 21.20 21.97 -15.50
N MET A 267 21.07 21.16 -14.45
CA MET A 267 21.75 19.88 -14.36
C MET A 267 21.25 18.88 -15.38
N GLY A 268 19.95 18.85 -15.62
CA GLY A 268 19.34 17.93 -16.56
C GLY A 268 19.21 16.53 -16.00
N VAL A 269 19.42 16.33 -14.70
CA VAL A 269 19.38 14.99 -14.12
C VAL A 269 18.53 14.92 -12.86
N ARG A 270 18.20 13.70 -12.48
CA ARG A 270 17.44 13.39 -11.28
C ARG A 270 18.11 12.20 -10.59
N ALA A 271 17.84 12.02 -9.31
CA ALA A 271 18.45 10.92 -8.57
C ALA A 271 17.42 10.28 -7.63
N GLU A 272 17.53 8.97 -7.43
CA GLU A 272 16.63 8.29 -6.49
C GLU A 272 17.23 8.34 -5.09
N GLN A 273 16.37 8.30 -4.06
CA GLN A 273 16.88 8.35 -2.69
C GLN A 273 17.68 7.10 -2.34
N GLN A 274 17.42 5.97 -2.97
CA GLN A 274 18.18 4.74 -2.73
C GLN A 274 19.49 4.69 -3.49
N SER A 275 19.83 5.71 -4.28
CA SER A 275 21.11 5.77 -4.99
C SER A 275 22.30 6.02 -4.07
N LEU A 276 22.02 6.37 -2.81
CA LEU A 276 23.03 6.47 -1.77
C LEU A 276 23.67 5.11 -1.46
N ALA A 277 23.03 4.01 -1.85
CA ALA A 277 23.56 2.66 -1.72
C ALA A 277 24.83 2.43 -2.52
N LYS A 278 25.17 3.29 -3.48
CA LYS A 278 26.48 3.25 -4.11
C LYS A 278 27.60 3.26 -3.07
N TYR A 279 27.47 4.00 -1.98
CA TYR A 279 28.46 4.06 -0.92
C TYR A 279 28.23 3.08 0.21
N GLY A 280 27.41 2.07 0.00
CA GLY A 280 27.13 1.05 1.01
C GLY A 280 25.66 1.10 1.40
N LEU A 281 25.10 -0.07 1.76
CA LEU A 281 23.70 -0.17 2.15
C LEU A 281 23.34 0.64 3.38
N LYS A 282 24.28 0.92 4.28
CA LYS A 282 24.02 1.74 5.45
C LYS A 282 24.47 3.19 5.34
N TYR A 283 24.95 3.63 4.19
CA TYR A 283 25.38 5.03 4.03
C TYR A 283 24.25 6.01 4.32
N VAL A 284 23.03 5.71 3.84
CA VAL A 284 21.91 6.60 4.13
C VAL A 284 21.70 6.78 5.63
N VAL A 285 21.81 5.69 6.38
CA VAL A 285 21.60 5.68 7.81
C VAL A 285 22.75 6.25 8.63
N ASN A 286 23.99 5.94 8.25
CA ASN A 286 25.14 6.34 9.05
C ASN A 286 25.75 7.67 8.68
N THR A 287 25.58 8.09 7.44
CA THR A 287 26.24 9.31 6.97
C THR A 287 25.27 10.35 6.45
N TYR A 288 24.47 10.03 5.43
CA TYR A 288 23.58 11.00 4.82
C TYR A 288 22.54 11.58 5.76
N LEU A 289 21.67 10.76 6.34
CA LEU A 289 20.60 11.28 7.19
C LEU A 289 21.06 11.98 8.46
N PRO A 290 22.00 11.45 9.21
CA PRO A 290 22.54 12.12 10.39
C PRO A 290 23.06 13.50 10.04
N GLU A 291 23.76 13.63 8.91
CA GLU A 291 24.25 14.90 8.41
C GLU A 291 23.12 15.86 8.06
N LYS A 292 22.18 15.43 7.23
CA LYS A 292 21.09 16.29 6.79
C LYS A 292 20.22 16.82 7.93
N ILE A 293 19.90 15.98 8.89
CA ILE A 293 19.03 16.36 10.00
C ILE A 293 19.69 17.36 10.93
N LYS A 294 20.99 17.30 11.14
CA LYS A 294 21.73 18.22 11.98
C LYS A 294 21.81 19.63 11.41
N ASP A 295 21.78 19.77 10.09
CA ASP A 295 21.92 21.09 9.46
C ASP A 295 20.70 21.44 8.63
N GLU A 296 19.89 22.37 9.12
CA GLU A 296 18.67 22.82 8.48
C GLU A 296 18.88 23.77 7.32
N SER A 297 20.11 24.21 7.07
CA SER A 297 20.44 25.05 5.93
C SER A 297 20.41 24.28 4.63
N THR A 298 20.47 22.95 4.69
CA THR A 298 20.38 22.10 3.51
C THR A 298 18.97 21.63 3.24
N TRP A 299 18.00 22.05 4.04
CA TRP A 299 16.59 21.69 3.83
C TRP A 299 16.03 22.67 2.80
N LEU A 300 14.90 22.38 2.15
CA LEU A 300 14.50 23.25 1.05
C LEU A 300 13.47 24.32 1.32
N PRO A 301 12.27 23.73 1.78
CA PRO A 301 11.17 24.69 2.00
C PRO A 301 11.67 25.98 2.62
N ASN B 3 26.11 -8.18 -23.79
CA ASN B 3 26.65 -9.42 -24.41
C ASN B 3 26.95 -10.51 -23.39
N GLN B 4 27.34 -11.66 -23.93
CA GLN B 4 27.72 -12.86 -23.24
C GLN B 4 28.56 -12.64 -21.98
N ALA B 5 29.80 -12.22 -22.17
CA ALA B 5 30.82 -12.06 -21.16
C ALA B 5 30.47 -10.99 -20.13
N LYS B 6 29.89 -9.88 -20.59
CA LYS B 6 29.49 -8.83 -19.68
C LYS B 6 28.44 -9.32 -18.69
N ILE B 7 27.39 -9.97 -19.16
CA ILE B 7 26.34 -10.50 -18.29
C ILE B 7 26.91 -11.54 -17.32
N PHE B 8 27.84 -12.37 -17.77
CA PHE B 8 28.49 -13.36 -16.93
C PHE B 8 29.32 -12.70 -15.83
N ALA B 9 30.09 -11.67 -16.17
CA ALA B 9 30.85 -10.93 -15.17
C ALA B 9 29.92 -10.26 -14.16
N GLN B 10 28.83 -9.66 -14.63
CA GLN B 10 27.83 -9.06 -13.76
C GLN B 10 27.14 -10.08 -12.87
N THR B 11 26.86 -11.26 -13.41
CA THR B 11 26.26 -12.35 -12.63
C THR B 11 27.23 -12.82 -11.54
N THR B 12 28.52 -12.88 -11.86
CA THR B 12 29.55 -13.22 -10.88
C THR B 12 29.63 -12.21 -9.74
N LYS B 13 29.60 -10.93 -10.07
CA LYS B 13 29.60 -9.87 -9.07
C LYS B 13 28.32 -9.89 -8.24
N MET B 14 27.20 -10.23 -8.89
CA MET B 14 25.92 -10.27 -8.18
C MET B 14 25.88 -11.42 -7.19
N LEU B 15 26.54 -12.53 -7.51
CA LEU B 15 26.59 -13.70 -6.64
C LEU B 15 27.56 -13.49 -5.48
N GLU B 16 28.60 -12.68 -5.71
CA GLU B 16 29.51 -12.32 -4.62
C GLU B 16 28.77 -11.40 -3.65
N PHE B 17 27.94 -10.50 -4.18
CA PHE B 17 27.13 -9.59 -3.36
C PHE B 17 26.11 -10.40 -2.56
N ALA B 18 25.49 -11.40 -3.19
CA ALA B 18 24.54 -12.26 -2.48
C ALA B 18 25.24 -13.02 -1.36
N LYS B 19 26.47 -13.50 -1.61
CA LYS B 19 27.24 -14.15 -0.54
C LYS B 19 27.47 -13.20 0.63
N GLN B 20 27.83 -11.95 0.37
CA GLN B 20 28.03 -10.97 1.44
C GLN B 20 26.74 -10.63 2.18
N LEU B 21 25.61 -10.55 1.49
CA LEU B 21 24.31 -10.34 2.12
C LEU B 21 23.99 -11.47 3.09
N LEU B 22 24.08 -12.71 2.61
CA LEU B 22 23.78 -13.87 3.43
C LEU B 22 24.72 -14.02 4.62
N GLU B 23 26.01 -13.76 4.48
CA GLU B 23 26.95 -13.83 5.60
C GLU B 23 26.76 -12.71 6.62
N THR B 24 26.16 -11.59 6.22
CA THR B 24 25.90 -10.49 7.15
C THR B 24 24.44 -10.42 7.56
N ASP B 25 23.65 -11.44 7.25
CA ASP B 25 22.22 -11.44 7.60
C ASP B 25 21.54 -10.17 7.10
N ASP B 26 21.81 -9.80 5.84
CA ASP B 26 21.29 -8.55 5.29
C ASP B 26 20.53 -8.81 4.00
N PHE B 27 19.95 -7.75 3.46
CA PHE B 27 19.20 -7.85 2.21
C PHE B 27 19.60 -6.68 1.31
N SER B 28 19.18 -6.75 0.06
CA SER B 28 19.33 -5.64 -0.87
C SER B 28 18.01 -5.54 -1.64
N THR B 29 17.40 -4.36 -1.68
CA THR B 29 16.22 -4.20 -2.52
C THR B 29 16.71 -4.17 -3.97
N LEU B 30 15.81 -4.25 -4.94
CA LEU B 30 16.24 -4.25 -6.34
C LEU B 30 16.98 -2.97 -6.72
N ARG B 31 16.48 -1.82 -6.25
CA ARG B 31 17.14 -0.56 -6.58
C ARG B 31 18.49 -0.49 -5.85
N GLU B 32 18.51 -0.95 -4.60
CA GLU B 32 19.79 -0.98 -3.87
C GLU B 32 20.85 -1.75 -4.63
N ALA B 33 20.51 -2.89 -5.20
CA ALA B 33 21.44 -3.73 -5.95
C ALA B 33 22.00 -3.01 -7.16
N TYR B 34 21.10 -2.38 -7.92
CA TYR B 34 21.50 -1.60 -9.07
C TYR B 34 22.51 -0.52 -8.69
N TYR B 35 22.27 0.21 -7.59
CA TYR B 35 23.17 1.28 -7.20
C TYR B 35 24.47 0.76 -6.58
N VAL B 36 24.42 -0.39 -5.90
CA VAL B 36 25.65 -1.07 -5.49
C VAL B 36 26.49 -1.45 -6.69
N SER B 37 25.88 -1.80 -7.81
CA SER B 37 26.58 -2.17 -9.04
C SER B 37 27.37 -1.03 -9.66
N LYS B 38 27.16 0.22 -9.26
CA LYS B 38 27.94 1.35 -9.74
C LYS B 38 29.38 1.35 -9.24
N ASN B 39 29.72 0.48 -8.31
CA ASN B 39 31.06 0.25 -7.82
C ASN B 39 31.80 -0.81 -8.64
N TRP B 40 31.18 -1.42 -9.64
CA TRP B 40 31.79 -2.55 -10.34
C TRP B 40 32.48 -2.16 -11.64
N GLY B 41 32.95 -0.92 -11.71
CA GLY B 41 33.69 -0.43 -12.87
C GLY B 41 32.93 -0.70 -14.16
N GLU B 42 33.59 -1.41 -15.07
CA GLU B 42 33.01 -1.77 -16.37
C GLU B 42 31.90 -2.81 -16.29
N ALA B 43 31.65 -3.43 -15.14
CA ALA B 43 30.59 -4.40 -14.98
C ALA B 43 29.38 -3.80 -14.30
N ARG B 44 29.33 -2.47 -14.19
CA ARG B 44 28.18 -1.79 -13.59
C ARG B 44 26.97 -2.03 -14.49
N PHE B 45 25.76 -1.99 -13.93
CA PHE B 45 24.57 -2.09 -14.76
C PHE B 45 24.31 -0.71 -15.37
N ASP B 46 23.91 -0.71 -16.63
CA ASP B 46 23.59 0.51 -17.35
C ASP B 46 22.23 1.05 -16.91
N ASP B 47 21.32 0.13 -16.56
CA ASP B 47 19.96 0.54 -16.21
C ASP B 47 19.33 -0.44 -15.23
N GLN B 48 18.27 0.02 -14.56
CA GLN B 48 17.58 -0.77 -13.55
C GLN B 48 17.10 -2.12 -14.07
N GLN B 49 16.53 -2.15 -15.28
CA GLN B 49 16.00 -3.37 -15.86
C GLN B 49 17.06 -4.46 -16.04
N ALA B 50 18.25 -4.07 -16.48
CA ALA B 50 19.35 -5.01 -16.66
C ALA B 50 19.77 -5.64 -15.34
N SER B 51 19.79 -4.86 -14.26
CA SER B 51 20.08 -5.38 -12.93
C SER B 51 18.99 -6.37 -12.49
N ASN B 52 17.72 -6.00 -12.65
CA ASN B 52 16.61 -6.88 -12.37
C ASN B 52 16.67 -8.17 -13.18
N ASN B 53 17.09 -8.11 -14.44
CA ASN B 53 17.20 -9.27 -15.31
C ASN B 53 18.19 -10.31 -14.78
N VAL B 54 19.33 -9.85 -14.26
CA VAL B 54 20.30 -10.75 -13.66
C VAL B 54 19.73 -11.39 -12.40
N ILE B 55 19.02 -10.63 -11.57
CA ILE B 55 18.46 -11.22 -10.35
C ILE B 55 17.42 -12.27 -10.70
N GLU B 56 16.52 -11.98 -11.63
CA GLU B 56 15.55 -12.95 -12.11
C GLU B 56 16.23 -14.21 -12.65
N ASP B 57 17.27 -14.03 -13.44
CA ASP B 57 18.01 -15.14 -14.04
C ASP B 57 18.78 -15.99 -13.03
N LEU B 58 19.25 -15.37 -11.94
CA LEU B 58 19.90 -16.13 -10.87
C LEU B 58 18.89 -17.04 -10.18
N GLU B 59 17.67 -16.52 -9.97
CA GLU B 59 16.59 -17.31 -9.38
C GLU B 59 16.27 -18.51 -10.25
N ALA B 60 16.18 -18.27 -11.57
CA ALA B 60 15.89 -19.32 -12.53
C ALA B 60 17.03 -20.32 -12.68
N ALA B 61 18.28 -19.86 -12.60
CA ALA B 61 19.42 -20.73 -12.80
C ALA B 61 19.82 -21.50 -11.55
N LEU B 62 19.64 -20.91 -10.37
CA LEU B 62 20.03 -21.60 -9.14
C LEU B 62 18.88 -22.41 -8.57
N GLY B 63 17.65 -22.07 -8.96
CA GLY B 63 16.46 -22.76 -8.45
C GLY B 63 16.15 -22.34 -7.02
N VAL B 64 16.52 -21.11 -6.69
CA VAL B 64 16.32 -20.53 -5.36
C VAL B 64 15.53 -19.23 -5.52
N LEU B 65 14.54 -19.03 -4.66
CA LEU B 65 13.80 -17.76 -4.67
C LEU B 65 14.80 -16.61 -4.58
N ARG B 66 14.54 -15.49 -5.27
CA ARG B 66 15.45 -14.36 -5.23
C ARG B 66 15.64 -13.83 -3.81
N GLU B 67 14.62 -13.87 -2.96
CA GLU B 67 14.72 -13.41 -1.59
C GLU B 67 15.63 -14.26 -0.74
N HIS B 68 15.80 -15.54 -1.06
CA HIS B 68 16.73 -16.41 -0.33
C HIS B 68 18.17 -16.15 -0.73
N LEU B 69 18.41 -15.42 -1.82
CA LEU B 69 19.73 -14.95 -2.19
C LEU B 69 19.99 -13.56 -1.61
N GLY B 70 18.94 -12.98 -1.02
CA GLY B 70 19.04 -11.70 -0.34
C GLY B 70 18.44 -10.54 -1.11
N PHE B 71 17.83 -10.78 -2.27
CA PHE B 71 17.29 -9.71 -3.10
C PHE B 71 15.79 -9.55 -2.95
N ILE B 72 15.36 -8.38 -2.45
CA ILE B 72 13.95 -8.20 -2.09
C ILE B 72 13.28 -7.12 -2.92
N PRO B 73 11.94 -7.18 -2.99
CA PRO B 73 11.15 -6.28 -3.80
C PRO B 73 11.20 -4.84 -3.31
N GLU B 74 10.81 -3.91 -4.19
CA GLU B 74 10.69 -2.51 -3.81
C GLU B 74 9.32 -2.27 -3.17
N GLU B 75 8.33 -3.10 -3.52
CA GLU B 75 6.99 -2.96 -2.95
C GLU B 75 6.80 -3.71 -1.65
N ASP B 76 6.13 -3.09 -0.68
CA ASP B 76 5.81 -3.81 0.56
C ASP B 76 4.59 -4.70 0.30
N GLY B 77 4.29 -5.53 1.28
CA GLY B 77 3.12 -6.41 1.21
C GLY B 77 1.89 -5.63 1.67
N SER B 78 0.77 -6.33 1.80
CA SER B 78 -0.51 -5.71 2.15
C SER B 78 -0.75 -5.69 3.66
N SER B 79 -2.02 -5.69 4.07
CA SER B 79 -2.34 -5.70 5.49
C SER B 79 -2.98 -7.04 5.90
N VAL B 80 -2.67 -7.44 7.13
CA VAL B 80 -3.14 -8.69 7.70
C VAL B 80 -3.74 -8.43 9.08
N VAL B 81 -4.83 -9.12 9.40
CA VAL B 81 -5.38 -9.17 10.74
C VAL B 81 -5.96 -10.57 10.94
N GLY B 82 -6.15 -10.99 12.19
CA GLY B 82 -6.80 -12.28 12.43
C GLY B 82 -5.98 -13.18 13.33
N PRO B 83 -6.45 -14.41 13.51
CA PRO B 83 -5.83 -15.40 14.37
C PRO B 83 -4.49 -15.87 13.82
N LEU B 84 -3.45 -15.15 14.20
CA LEU B 84 -2.10 -15.38 13.71
C LEU B 84 -1.10 -14.64 14.59
N LYS B 85 -0.02 -15.33 14.90
CA LYS B 85 1.10 -14.72 15.60
C LYS B 85 2.28 -14.71 14.64
N ILE B 86 2.90 -13.55 14.48
CA ILE B 86 4.10 -13.41 13.66
C ILE B 86 5.24 -13.26 14.66
N ILE B 87 6.19 -14.18 14.59
CA ILE B 87 7.25 -14.28 15.60
C ILE B 87 8.62 -14.14 14.98
N GLU B 88 9.47 -13.34 15.63
CA GLU B 88 10.85 -13.17 15.19
C GLU B 88 11.78 -13.37 16.39
N GLU B 89 12.86 -14.11 16.15
CA GLU B 89 13.84 -14.33 17.21
C GLU B 89 14.89 -13.23 17.17
N THR B 90 15.23 -12.69 18.33
CA THR B 90 16.22 -11.64 18.44
C THR B 90 17.24 -12.01 19.52
N PRO B 91 18.35 -11.30 19.57
CA PRO B 91 19.37 -11.52 20.58
C PRO B 91 18.81 -11.42 21.98
N GLU B 92 17.97 -10.42 22.24
CA GLU B 92 17.32 -10.23 23.53
C GLU B 92 16.25 -11.26 23.85
N GLY B 93 15.67 -11.94 22.86
CA GLY B 93 14.67 -12.95 23.13
C GLY B 93 13.72 -13.23 21.97
N GLU B 94 12.42 -13.04 22.22
CA GLU B 94 11.39 -13.32 21.24
C GLU B 94 10.46 -12.12 21.04
N LEU B 95 10.19 -11.82 19.78
CA LEU B 95 9.29 -10.73 19.40
C LEU B 95 8.01 -11.34 18.85
N VAL B 96 6.87 -11.05 19.47
CA VAL B 96 5.60 -11.61 19.02
C VAL B 96 4.61 -10.51 18.60
N VAL B 97 4.06 -10.63 17.41
CA VAL B 97 3.01 -9.73 16.94
C VAL B 97 1.72 -10.55 16.79
N ASP B 98 0.75 -10.24 17.65
CA ASP B 98 -0.51 -10.94 17.70
C ASP B 98 -1.52 -10.20 16.83
N CYS B 99 -1.89 -10.77 15.70
CA CYS B 99 -2.77 -10.11 14.76
C CYS B 99 -4.25 -10.05 15.13
N THR B 100 -4.63 -10.44 16.33
CA THR B 100 -5.95 -10.27 16.88
C THR B 100 -6.00 -9.08 17.85
N LYS B 101 -4.87 -8.40 18.02
CA LYS B 101 -4.78 -7.31 18.98
C LYS B 101 -4.32 -6.00 18.34
N LEU B 102 -4.67 -5.79 17.07
CA LEU B 102 -4.24 -4.61 16.33
C LEU B 102 -5.33 -3.56 16.21
N GLY B 103 -6.53 -3.85 16.71
CA GLY B 103 -7.61 -2.86 16.74
C GLY B 103 -8.10 -2.43 15.36
N THR B 104 -8.21 -1.11 15.19
CA THR B 104 -8.65 -0.54 13.90
C THR B 104 -7.61 -0.74 12.81
N GLY B 105 -6.32 -0.75 13.16
CA GLY B 105 -5.26 -0.92 12.19
C GLY B 105 -5.01 -2.39 11.87
N ALA B 106 -3.80 -2.65 11.38
CA ALA B 106 -3.40 -4.00 10.96
C ALA B 106 -1.88 -4.11 10.89
N TYR B 107 -1.38 -5.29 10.60
CA TYR B 107 0.05 -5.51 10.40
C TYR B 107 0.38 -5.28 8.92
N ASN B 108 1.39 -4.46 8.67
CA ASN B 108 1.84 -4.23 7.30
C ASN B 108 2.88 -5.29 6.91
N ILE B 109 2.53 -6.19 6.01
CA ILE B 109 3.46 -7.22 5.55
C ILE B 109 4.70 -6.55 4.95
N PRO B 110 5.87 -6.92 5.43
CA PRO B 110 7.12 -6.33 4.98
C PRO B 110 7.49 -6.77 3.58
N ASN B 111 8.43 -6.10 2.94
CA ASN B 111 8.91 -6.43 1.61
C ASN B 111 9.46 -7.84 1.51
N ASP B 112 10.15 -8.28 2.57
CA ASP B 112 10.69 -9.62 2.65
C ASP B 112 10.05 -10.33 3.84
N VAL B 113 9.40 -11.48 3.61
CA VAL B 113 8.77 -12.21 4.70
C VAL B 113 9.58 -13.44 5.10
N THR B 114 10.76 -13.61 4.53
CA THR B 114 11.58 -14.78 4.81
C THR B 114 11.83 -15.03 6.29
N LYS B 115 12.20 -14.01 7.05
CA LYS B 115 12.54 -14.16 8.45
C LYS B 115 11.38 -14.21 9.42
N LEU B 116 10.13 -14.16 8.97
CA LEU B 116 8.99 -14.23 9.85
C LEU B 116 8.67 -15.68 10.23
N ASN B 117 8.40 -15.92 11.50
CA ASN B 117 7.91 -17.23 11.93
C ASN B 117 6.40 -17.08 12.11
N LEU B 118 5.62 -18.05 11.66
CA LEU B 118 4.17 -17.92 11.70
C LEU B 118 3.51 -19.01 12.54
N GLU B 119 2.66 -18.62 13.48
CA GLU B 119 1.91 -19.58 14.29
C GLU B 119 0.42 -19.27 14.21
N THR B 120 -0.41 -20.26 13.90
CA THR B 120 -1.84 -19.99 13.76
C THR B 120 -2.70 -21.25 13.84
N ASP B 121 -3.91 -21.12 14.40
CA ASP B 121 -4.87 -22.21 14.42
C ASP B 121 -6.10 -21.81 13.58
N ALA B 122 -5.92 -20.83 12.69
CA ALA B 122 -7.00 -20.37 11.85
C ALA B 122 -7.48 -21.51 10.95
N ASP B 123 -8.67 -21.36 10.36
CA ASP B 123 -9.20 -22.41 9.50
C ASP B 123 -8.93 -22.13 8.03
N PHE B 124 -8.83 -20.86 7.65
CA PHE B 124 -8.57 -20.53 6.25
C PHE B 124 -8.10 -19.08 6.15
N ILE B 125 -7.64 -18.71 4.97
CA ILE B 125 -7.19 -17.35 4.68
C ILE B 125 -8.24 -16.72 3.75
N LEU B 126 -8.66 -15.50 4.03
CA LEU B 126 -9.58 -14.79 3.15
C LEU B 126 -8.83 -13.61 2.51
N ALA B 127 -8.50 -13.74 1.24
CA ALA B 127 -7.75 -12.72 0.50
C ALA B 127 -8.77 -11.77 -0.15
N ILE B 128 -8.72 -10.51 0.24
CA ILE B 128 -9.71 -9.50 -0.09
C ILE B 128 -9.14 -8.42 -1.01
N GLU B 129 -9.75 -8.21 -2.17
CA GLU B 129 -9.21 -7.22 -3.10
C GLU B 129 -9.02 -5.84 -2.46
N THR B 130 -10.12 -5.20 -2.09
CA THR B 130 -10.05 -3.78 -1.73
C THR B 130 -9.71 -3.54 -0.28
N SER B 131 -9.05 -2.40 -0.07
CA SER B 131 -8.71 -1.96 1.28
C SER B 131 -9.96 -1.54 2.03
N GLY B 132 -10.97 -1.04 1.31
CA GLY B 132 -12.24 -0.63 1.91
C GLY B 132 -13.00 -1.83 2.44
N MET B 133 -12.98 -2.93 1.69
CA MET B 133 -13.64 -4.16 2.13
C MET B 133 -12.89 -4.76 3.32
N PHE B 134 -11.55 -4.70 3.27
CA PHE B 134 -10.74 -5.17 4.40
C PHE B 134 -11.10 -4.37 5.65
N ALA B 135 -11.24 -3.05 5.51
CA ALA B 135 -11.61 -2.20 6.62
C ALA B 135 -12.96 -2.61 7.24
N ARG B 136 -13.94 -2.89 6.40
CA ARG B 136 -15.24 -3.30 6.92
C ARG B 136 -15.14 -4.66 7.59
N LEU B 137 -14.47 -5.64 6.99
CA LEU B 137 -14.33 -6.97 7.56
C LEU B 137 -13.51 -6.97 8.85
N ASN B 138 -12.48 -6.13 8.90
CA ASN B 138 -11.66 -5.99 10.10
C ASN B 138 -12.47 -5.34 11.22
N ALA B 139 -13.15 -4.24 10.94
CA ALA B 139 -14.01 -3.54 11.89
C ALA B 139 -15.10 -4.45 12.46
N GLU B 140 -15.71 -5.29 11.63
CA GLU B 140 -16.78 -6.17 12.11
C GLU B 140 -16.23 -7.48 12.67
N ARG B 141 -14.91 -7.60 12.81
CA ARG B 141 -14.27 -8.78 13.39
C ARG B 141 -14.71 -10.06 12.72
N PHE B 142 -14.73 -10.06 11.38
CA PHE B 142 -15.10 -11.24 10.62
C PHE B 142 -14.13 -12.39 10.86
N TRP B 143 -12.86 -12.06 11.08
CA TRP B 143 -11.81 -12.99 11.38
C TRP B 143 -11.99 -13.72 12.70
N ASP B 144 -12.68 -13.13 13.66
CA ASP B 144 -12.88 -13.77 14.96
C ASP B 144 -13.99 -14.82 14.85
N LYS B 145 -15.19 -14.38 14.47
CA LYS B 145 -16.33 -15.28 14.27
C LYS B 145 -15.98 -16.46 13.37
N HIS B 146 -15.32 -16.20 12.23
CA HIS B 146 -15.02 -17.25 11.27
C HIS B 146 -13.61 -17.81 11.36
N ASN B 147 -12.87 -17.46 12.40
CA ASN B 147 -11.51 -17.98 12.61
C ASN B 147 -10.72 -18.05 11.31
N CYS B 148 -10.56 -16.89 10.65
CA CYS B 148 -9.83 -16.86 9.39
C CYS B 148 -8.89 -15.66 9.35
N ILE B 149 -7.79 -15.80 8.63
CA ILE B 149 -6.84 -14.71 8.47
C ILE B 149 -7.26 -13.83 7.29
N LEU B 150 -7.39 -12.53 7.54
CA LEU B 150 -7.72 -11.61 6.46
C LEU B 150 -6.44 -10.99 5.91
N VAL B 151 -6.26 -11.07 4.60
CA VAL B 151 -5.13 -10.45 3.91
C VAL B 151 -5.68 -9.60 2.76
N SER B 152 -5.37 -8.31 2.76
CA SER B 152 -5.84 -7.46 1.66
C SER B 152 -4.93 -7.68 0.46
N LEU B 153 -5.37 -7.38 -0.75
CA LEU B 153 -4.53 -7.55 -1.93
C LEU B 153 -4.16 -6.18 -2.50
N LYS B 154 -5.13 -5.26 -2.47
CA LYS B 154 -5.01 -3.89 -2.87
C LYS B 154 -4.69 -3.72 -4.36
N GLY B 155 -5.28 -4.54 -5.20
CA GLY B 155 -4.94 -4.52 -6.63
C GLY B 155 -4.27 -5.88 -6.88
N VAL B 156 -3.46 -5.97 -7.92
CA VAL B 156 -2.70 -7.21 -8.16
C VAL B 156 -1.69 -7.32 -7.02
N PRO B 157 -1.71 -8.40 -6.27
CA PRO B 157 -0.91 -8.53 -5.07
C PRO B 157 0.58 -8.38 -5.35
N ALA B 158 1.25 -7.69 -4.44
CA ALA B 158 2.71 -7.57 -4.52
C ALA B 158 3.32 -8.96 -4.33
N ARG B 159 4.60 -9.08 -4.67
CA ARG B 159 5.36 -10.31 -4.43
C ARG B 159 5.36 -10.70 -2.96
N ALA B 160 5.56 -9.74 -2.06
CA ALA B 160 5.56 -10.01 -0.63
C ALA B 160 4.22 -10.53 -0.15
N THR B 161 3.12 -9.97 -0.66
CA THR B 161 1.79 -10.46 -0.33
C THR B 161 1.59 -11.89 -0.80
N ARG B 162 1.99 -12.17 -2.03
CA ARG B 162 1.87 -13.51 -2.60
C ARG B 162 2.67 -14.51 -1.78
N ARG B 163 3.90 -14.17 -1.40
CA ARG B 163 4.73 -15.01 -0.58
C ARG B 163 4.13 -15.25 0.80
N PHE B 164 3.58 -14.19 1.41
CA PHE B 164 3.00 -14.32 2.74
C PHE B 164 1.82 -15.29 2.73
N ILE B 165 0.93 -15.14 1.76
CA ILE B 165 -0.25 -16.00 1.65
C ILE B 165 0.16 -17.43 1.35
N LYS B 166 1.12 -17.62 0.45
CA LYS B 166 1.58 -18.95 0.07
C LYS B 166 2.23 -19.69 1.24
N ARG B 167 3.06 -18.98 1.99
CA ARG B 167 3.66 -19.58 3.19
C ARG B 167 2.58 -20.00 4.17
N LEU B 168 1.60 -19.14 4.46
CA LEU B 168 0.51 -19.52 5.36
C LEU B 168 -0.21 -20.76 4.82
N HIS B 169 -0.59 -20.73 3.55
CA HIS B 169 -1.24 -21.84 2.87
C HIS B 169 -0.44 -23.13 2.98
N GLU B 170 0.82 -23.12 2.55
CA GLU B 170 1.65 -24.32 2.54
C GLU B 170 2.09 -24.77 3.93
N GLU B 171 2.51 -23.83 4.78
CA GLU B 171 3.04 -24.23 6.08
C GLU B 171 1.96 -24.63 7.06
N HIS B 172 0.74 -24.10 6.95
CA HIS B 172 -0.31 -24.38 7.93
C HIS B 172 -1.55 -25.05 7.34
N ASP B 173 -1.45 -25.55 6.11
CA ASP B 173 -2.56 -26.21 5.46
C ASP B 173 -3.81 -25.34 5.50
N LEU B 174 -3.70 -24.11 5.00
CA LEU B 174 -4.86 -23.22 5.02
C LEU B 174 -5.37 -22.96 3.62
N PRO B 175 -6.62 -23.32 3.35
CA PRO B 175 -7.28 -22.97 2.10
C PRO B 175 -7.22 -21.46 1.87
N VAL B 176 -7.03 -21.07 0.62
CA VAL B 176 -6.97 -19.67 0.22
C VAL B 176 -8.25 -19.29 -0.53
N LEU B 177 -9.12 -18.56 0.17
CA LEU B 177 -10.38 -18.12 -0.42
C LEU B 177 -10.26 -16.67 -0.88
N VAL B 178 -10.49 -16.41 -2.16
CA VAL B 178 -10.29 -15.08 -2.71
C VAL B 178 -11.61 -14.36 -3.00
N PHE B 179 -11.68 -13.11 -2.58
CA PHE B 179 -12.86 -12.26 -2.71
C PHE B 179 -12.46 -10.98 -3.43
N THR B 180 -12.88 -10.84 -4.69
CA THR B 180 -12.53 -9.69 -5.50
C THR B 180 -13.80 -8.97 -5.96
N ASP B 181 -13.63 -7.83 -6.63
CA ASP B 181 -14.73 -7.19 -7.32
C ASP B 181 -15.21 -8.19 -8.38
N GLY B 182 -16.44 -8.06 -8.86
CA GLY B 182 -16.92 -8.95 -9.92
C GLY B 182 -16.64 -8.30 -11.28
N ASP B 183 -15.38 -8.33 -11.71
CA ASP B 183 -15.03 -7.75 -13.01
C ASP B 183 -13.82 -8.48 -13.59
N PRO B 184 -13.59 -8.33 -14.89
CA PRO B 184 -12.47 -8.97 -15.56
C PRO B 184 -11.14 -8.72 -14.90
N TYR B 185 -10.84 -7.50 -14.45
CA TYR B 185 -9.58 -7.22 -13.76
C TYR B 185 -9.47 -8.04 -12.47
N GLY B 186 -10.55 -8.13 -11.71
CA GLY B 186 -10.59 -8.95 -10.51
C GLY B 186 -10.28 -10.41 -10.81
N TYR B 187 -10.87 -10.97 -11.86
CA TYR B 187 -10.67 -12.36 -12.22
C TYR B 187 -9.34 -12.65 -12.88
N LEU B 188 -9.04 -11.93 -13.97
CA LEU B 188 -7.92 -12.27 -14.83
C LEU B 188 -6.61 -11.60 -14.49
N ASN B 189 -6.60 -10.71 -13.49
CA ASN B 189 -5.35 -10.07 -13.10
C ASN B 189 -5.07 -10.31 -11.62
N ILE B 190 -6.05 -10.00 -10.78
CA ILE B 190 -5.87 -10.13 -9.33
C ILE B 190 -5.95 -11.59 -8.89
N TYR B 191 -7.08 -12.24 -9.14
CA TYR B 191 -7.18 -13.66 -8.77
C TYR B 191 -6.20 -14.51 -9.55
N ARG B 192 -6.11 -14.31 -10.86
CA ARG B 192 -5.20 -15.10 -11.69
C ARG B 192 -3.74 -15.02 -11.24
N THR B 193 -3.26 -13.84 -10.86
CA THR B 193 -1.89 -13.70 -10.38
C THR B 193 -1.65 -14.53 -9.13
N LEU B 194 -2.60 -14.55 -8.20
CA LEU B 194 -2.49 -15.40 -7.02
C LEU B 194 -2.42 -16.87 -7.38
N LYS B 195 -3.33 -17.32 -8.25
CA LYS B 195 -3.43 -18.72 -8.63
C LYS B 195 -2.31 -19.18 -9.54
N VAL B 196 -2.03 -18.43 -10.60
CA VAL B 196 -1.10 -18.83 -11.64
C VAL B 196 0.22 -18.08 -11.68
N GLY B 197 0.24 -16.82 -11.26
CA GLY B 197 1.47 -16.03 -11.29
C GLY B 197 1.40 -14.93 -12.34
N LYS B 207 6.22 -20.17 -9.35
CA LYS B 207 7.13 -20.20 -8.21
C LYS B 207 6.42 -19.70 -6.96
N LEU B 208 5.66 -18.63 -7.10
CA LEU B 208 4.86 -18.07 -6.02
C LEU B 208 3.38 -18.38 -6.18
N SER B 209 3.06 -19.11 -7.23
CA SER B 209 1.66 -19.42 -7.54
C SER B 209 1.05 -20.29 -6.46
N ILE B 210 -0.26 -20.14 -6.28
CA ILE B 210 -1.06 -20.94 -5.36
C ILE B 210 -2.22 -21.56 -6.15
N PRO B 211 -1.97 -22.67 -6.83
CA PRO B 211 -2.96 -23.35 -7.63
C PRO B 211 -4.25 -23.75 -6.93
N ALA B 212 -4.23 -24.00 -5.63
CA ALA B 212 -5.42 -24.35 -4.87
C ALA B 212 -6.29 -23.15 -4.52
N ALA B 213 -5.81 -21.92 -4.75
CA ALA B 213 -6.60 -20.73 -4.45
C ALA B 213 -7.94 -20.79 -5.20
N ARG B 214 -9.01 -20.43 -4.52
CA ARG B 214 -10.36 -20.46 -5.04
C ARG B 214 -11.03 -19.09 -4.98
N LEU B 215 -11.63 -18.69 -6.10
CA LEU B 215 -12.38 -17.44 -6.16
C LEU B 215 -13.78 -17.74 -5.63
N ILE B 216 -14.08 -17.26 -4.43
CA ILE B 216 -15.39 -17.53 -3.83
C ILE B 216 -16.40 -16.48 -4.26
N GLY B 217 -15.87 -15.36 -4.76
CA GLY B 217 -16.77 -14.33 -5.21
C GLY B 217 -16.19 -13.01 -5.66
N VAL B 218 -16.74 -11.89 -6.10
CA VAL B 218 -17.98 -11.67 -6.74
C VAL B 218 -17.99 -12.39 -8.08
N THR B 219 -18.71 -13.52 -8.19
CA THR B 219 -18.79 -14.20 -9.48
C THR B 219 -19.87 -13.51 -10.33
N PRO B 220 -19.88 -13.79 -11.63
CA PRO B 220 -20.94 -13.31 -12.51
C PRO B 220 -22.31 -13.77 -12.04
N GLN B 221 -22.44 -15.03 -11.62
CA GLN B 221 -23.72 -15.54 -11.13
C GLN B 221 -24.12 -14.88 -9.81
N ASP B 222 -23.16 -14.48 -9.00
CA ASP B 222 -23.41 -13.74 -7.77
C ASP B 222 -24.16 -12.43 -8.05
N ILE B 223 -23.78 -11.76 -9.13
CA ILE B 223 -24.42 -10.50 -9.53
C ILE B 223 -25.91 -10.69 -9.70
N ILE B 224 -26.30 -11.79 -10.34
CA ILE B 224 -27.71 -12.14 -10.49
C ILE B 224 -28.33 -12.56 -9.17
N ASP B 225 -27.71 -13.52 -8.47
CA ASP B 225 -28.29 -14.08 -7.25
C ASP B 225 -28.52 -13.05 -6.15
N TYR B 226 -27.56 -12.14 -5.95
CA TYR B 226 -27.69 -11.12 -4.91
C TYR B 226 -28.23 -9.80 -5.46
N ASP B 227 -28.63 -9.78 -6.72
CA ASP B 227 -29.15 -8.56 -7.33
C ASP B 227 -28.29 -7.35 -7.03
N LEU B 228 -27.00 -7.42 -7.36
CA LEU B 228 -26.07 -6.33 -7.04
C LEU B 228 -26.19 -5.14 -7.97
N PRO B 229 -26.02 -3.94 -7.43
CA PRO B 229 -25.96 -2.72 -8.21
C PRO B 229 -24.81 -2.89 -9.22
N THR B 230 -25.04 -2.67 -10.51
CA THR B 230 -23.99 -2.97 -11.47
C THR B 230 -23.45 -1.73 -12.15
N HIS B 231 -22.39 -1.91 -12.94
CA HIS B 231 -21.92 -0.92 -13.90
C HIS B 231 -21.68 -1.71 -15.20
N PRO B 232 -21.88 -1.07 -16.34
CA PRO B 232 -21.69 -1.74 -17.62
C PRO B 232 -20.23 -2.07 -17.86
N LEU B 233 -19.98 -3.21 -18.50
CA LEU B 233 -18.62 -3.55 -18.90
C LEU B 233 -18.12 -2.43 -19.81
N LYS B 234 -16.84 -2.09 -19.66
CA LYS B 234 -16.27 -1.09 -20.56
C LYS B 234 -15.56 -1.84 -21.68
N GLU B 235 -15.20 -1.13 -22.73
CA GLU B 235 -14.45 -1.59 -23.87
C GLU B 235 -13.29 -2.49 -23.48
N GLN B 236 -12.44 -2.00 -22.58
CA GLN B 236 -11.28 -2.72 -22.08
C GLN B 236 -11.66 -4.01 -21.37
N ASP B 237 -12.75 -4.01 -20.60
CA ASP B 237 -13.22 -5.21 -19.95
C ASP B 237 -13.56 -6.31 -20.95
N ILE B 238 -14.35 -5.93 -21.97
CA ILE B 238 -14.75 -6.89 -23.01
C ILE B 238 -13.54 -7.49 -23.70
N LYS B 239 -12.56 -6.66 -24.03
CA LYS B 239 -11.33 -7.12 -24.66
C LYS B 239 -10.53 -8.07 -23.76
N ARG B 240 -10.49 -7.76 -22.47
CA ARG B 240 -9.81 -8.63 -21.50
C ARG B 240 -10.47 -10.00 -21.46
N ILE B 241 -11.80 -10.03 -21.45
CA ILE B 241 -12.53 -11.30 -21.44
C ILE B 241 -12.23 -12.08 -22.72
N LYS B 242 -12.45 -11.46 -23.88
CA LYS B 242 -12.23 -12.10 -25.16
C LYS B 242 -10.80 -12.63 -25.31
N ASP B 243 -9.81 -11.81 -24.95
CA ASP B 243 -8.42 -12.22 -24.97
C ASP B 243 -8.16 -13.43 -24.08
N GLY B 244 -8.77 -13.46 -22.90
CA GLY B 244 -8.67 -14.55 -21.97
C GLY B 244 -9.24 -15.86 -22.50
N LEU B 245 -10.44 -15.82 -23.08
CA LEU B 245 -11.10 -17.01 -23.57
C LEU B 245 -10.35 -17.64 -24.74
N LYS B 246 -9.73 -16.82 -25.57
CA LYS B 246 -8.96 -17.24 -26.72
C LYS B 246 -7.54 -17.71 -26.37
N ASN B 247 -6.80 -16.87 -25.64
CA ASN B 247 -5.38 -17.10 -25.39
C ASN B 247 -4.98 -17.53 -23.98
N ASP B 248 -5.77 -17.25 -22.96
CA ASP B 248 -5.35 -17.58 -21.60
C ASP B 248 -5.45 -19.08 -21.34
N ASP B 249 -4.31 -19.67 -20.99
CA ASP B 249 -4.22 -21.10 -20.70
C ASP B 249 -4.91 -21.45 -19.38
N PHE B 250 -4.93 -20.51 -18.45
CA PHE B 250 -5.65 -20.70 -17.18
C PHE B 250 -7.14 -20.86 -17.48
N VAL B 251 -7.69 -19.94 -18.27
CA VAL B 251 -9.12 -19.97 -18.60
C VAL B 251 -9.48 -21.22 -19.39
N ARG B 252 -8.63 -21.61 -20.34
CA ARG B 252 -8.85 -22.79 -21.16
C ARG B 252 -8.81 -24.10 -20.40
N SER B 253 -8.22 -24.14 -19.21
CA SER B 253 -8.14 -25.35 -18.42
C SER B 253 -9.36 -25.59 -17.55
N PHE B 254 -10.12 -24.53 -17.23
CA PHE B 254 -11.26 -24.66 -16.35
C PHE B 254 -12.57 -24.24 -16.99
N PRO B 255 -13.38 -25.22 -17.40
CA PRO B 255 -14.68 -24.99 -18.00
C PRO B 255 -15.61 -24.08 -17.22
N GLU B 256 -15.60 -24.13 -15.89
CA GLU B 256 -16.37 -23.21 -15.07
C GLU B 256 -15.92 -21.76 -15.30
N TRP B 257 -14.63 -21.52 -15.46
CA TRP B 257 -14.10 -20.19 -15.73
C TRP B 257 -14.47 -19.73 -17.14
N GLN B 258 -14.44 -20.64 -18.12
CA GLN B 258 -14.87 -20.32 -19.48
C GLN B 258 -16.34 -19.90 -19.48
N LYS B 259 -17.16 -20.71 -18.81
CA LYS B 259 -18.58 -20.46 -18.67
C LYS B 259 -18.88 -19.16 -17.92
N ALA B 260 -18.15 -18.89 -16.83
CA ALA B 260 -18.35 -17.68 -16.06
C ALA B 260 -18.00 -16.44 -16.86
N LEU B 261 -16.90 -16.47 -17.60
CA LEU B 261 -16.48 -15.35 -18.44
C LEU B 261 -17.41 -15.11 -19.62
N LYS B 262 -17.98 -16.18 -20.17
CA LYS B 262 -18.93 -16.04 -21.28
C LYS B 262 -20.25 -15.48 -20.75
N GLN B 263 -20.59 -15.89 -19.52
CA GLN B 263 -21.78 -15.37 -18.87
C GLN B 263 -21.64 -13.87 -18.62
N MET B 264 -20.50 -13.42 -18.09
CA MET B 264 -20.29 -12.00 -17.85
C MET B 264 -20.36 -11.19 -19.14
N LEU B 265 -19.79 -11.70 -20.22
CA LEU B 265 -19.84 -11.04 -21.51
C LEU B 265 -21.28 -10.91 -22.00
N ASP B 266 -22.09 -11.95 -21.83
CA ASP B 266 -23.50 -11.90 -22.22
C ASP B 266 -24.32 -10.96 -21.35
N MET B 267 -24.02 -10.92 -20.06
CA MET B 267 -24.69 -10.00 -19.14
C MET B 267 -24.33 -8.57 -19.49
N GLY B 268 -23.06 -8.35 -19.87
CA GLY B 268 -22.57 -7.04 -20.27
C GLY B 268 -22.35 -6.08 -19.12
N VAL B 269 -22.35 -6.58 -17.88
CA VAL B 269 -22.19 -5.73 -16.70
C VAL B 269 -21.18 -6.33 -15.72
N ARG B 270 -20.83 -5.51 -14.73
CA ARG B 270 -19.90 -5.93 -13.68
C ARG B 270 -20.36 -5.35 -12.34
N ALA B 271 -19.83 -5.85 -11.23
CA ALA B 271 -20.20 -5.31 -9.93
C ALA B 271 -19.03 -5.30 -8.96
N GLU B 272 -18.95 -4.18 -8.22
CA GLU B 272 -17.90 -4.05 -7.20
C GLU B 272 -18.26 -4.92 -6.00
N GLN B 273 -17.25 -5.39 -5.26
CA GLN B 273 -17.53 -6.19 -4.06
C GLN B 273 -18.17 -5.37 -2.97
N GLN B 274 -17.94 -4.04 -2.90
CA GLN B 274 -18.65 -3.22 -1.92
C GLN B 274 -20.07 -2.86 -2.31
N SER B 275 -20.58 -3.27 -3.49
CA SER B 275 -21.95 -3.03 -3.91
C SER B 275 -22.97 -3.75 -3.06
N LEU B 276 -22.54 -4.74 -2.28
CA LEU B 276 -23.36 -5.41 -1.29
C LEU B 276 -23.92 -4.48 -0.23
N ALA B 277 -23.30 -3.32 0.00
CA ALA B 277 -23.73 -2.32 0.96
C ALA B 277 -25.07 -1.68 0.64
N LYS B 278 -25.58 -1.84 -0.58
CA LYS B 278 -26.95 -1.47 -0.91
C LYS B 278 -27.93 -2.19 0.02
N TYR B 279 -27.60 -3.42 0.41
CA TYR B 279 -28.42 -4.20 1.34
C TYR B 279 -27.99 -4.04 2.79
N GLY B 280 -27.21 -3.02 3.11
CA GLY B 280 -26.78 -2.76 4.47
C GLY B 280 -25.27 -2.90 4.61
N LEU B 281 -24.68 -2.15 5.55
CA LEU B 281 -23.24 -2.17 5.74
C LEU B 281 -22.73 -3.52 6.23
N LYS B 282 -23.57 -4.27 6.92
CA LYS B 282 -23.19 -5.57 7.45
C LYS B 282 -23.62 -6.71 6.55
N TYR B 283 -24.28 -6.43 5.43
CA TYR B 283 -24.77 -7.51 4.57
C TYR B 283 -23.65 -8.41 4.08
N VAL B 284 -22.51 -7.85 3.65
CA VAL B 284 -21.38 -8.67 3.25
C VAL B 284 -20.91 -9.59 4.38
N VAL B 285 -20.89 -9.10 5.61
CA VAL B 285 -20.42 -9.83 6.77
C VAL B 285 -21.39 -10.89 7.26
N ASN B 286 -22.68 -10.58 7.31
CA ASN B 286 -23.64 -11.53 7.88
C ASN B 286 -24.39 -12.37 6.86
N THR B 287 -24.54 -11.92 5.61
CA THR B 287 -25.29 -12.71 4.64
C THR B 287 -24.41 -13.27 3.54
N TYR B 288 -23.79 -12.39 2.74
CA TYR B 288 -23.03 -12.83 1.57
C TYR B 288 -21.86 -13.75 1.88
N LEU B 289 -20.91 -13.33 2.71
CA LEU B 289 -19.70 -14.13 2.93
C LEU B 289 -19.98 -15.47 3.57
N PRO B 290 -20.77 -15.53 4.64
CA PRO B 290 -21.15 -16.79 5.26
C PRO B 290 -21.79 -17.72 4.26
N GLU B 291 -22.73 -17.24 3.45
CA GLU B 291 -23.35 -18.06 2.42
C GLU B 291 -22.33 -18.52 1.39
N LYS B 292 -21.45 -17.63 0.95
CA LYS B 292 -20.49 -17.94 -0.10
C LYS B 292 -19.40 -18.89 0.35
N ILE B 293 -18.89 -18.70 1.57
CA ILE B 293 -17.86 -19.59 2.11
C ILE B 293 -18.42 -20.99 2.34
N LYS B 294 -19.70 -21.09 2.71
CA LYS B 294 -20.31 -22.39 2.94
C LYS B 294 -20.58 -23.12 1.63
N ASP B 295 -21.03 -22.41 0.60
CA ASP B 295 -21.38 -23.10 -0.64
C ASP B 295 -20.24 -23.13 -1.64
N GLU B 296 -19.42 -24.18 -1.59
CA GLU B 296 -18.29 -24.31 -2.49
C GLU B 296 -18.67 -24.75 -3.91
N SER B 297 -19.95 -25.00 -4.20
CA SER B 297 -20.39 -25.19 -5.57
C SER B 297 -20.53 -23.87 -6.31
N THR B 298 -20.45 -22.75 -5.59
CA THR B 298 -20.53 -21.43 -6.20
C THR B 298 -19.15 -20.81 -6.40
N TRP B 299 -18.10 -21.53 -6.02
CA TRP B 299 -16.74 -21.01 -6.18
C TRP B 299 -16.30 -21.21 -7.62
N LEU B 300 -15.25 -20.52 -8.10
CA LEU B 300 -15.11 -20.70 -9.55
C LEU B 300 -14.39 -21.95 -9.95
N PRO B 301 -13.07 -21.91 -9.48
CA PRO B 301 -12.42 -23.24 -9.63
C PRO B 301 -13.31 -24.15 -8.76
NA NA C . -26.89 12.17 -8.73
MG MG D . 9.90 8.35 -6.68
MG MG E . -20.92 -1.58 14.72
NA NA F . 24.08 -3.41 -18.27
MG MG G . -11.38 -3.68 -8.44
#